data_4WMB
#
_entry.id   4WMB
#
_cell.length_a   89.468
_cell.length_b   89.468
_cell.length_c   42.934
_cell.angle_alpha   90.00
_cell.angle_beta   90.00
_cell.angle_gamma   120.00
#
_symmetry.space_group_name_H-M   'P 3'
#
loop_
_entity.id
_entity.type
_entity.pdbx_description
1 polymer 'Xyloside xylosyltransferase 1'
2 polymer 'Coagulation factor IX'
3 branched alpha-D-xylopyranose-(1-3)-beta-D-glucopyranose
4 non-polymer 'MANGANESE (II) ION'
5 non-polymer "URIDINE-5'-DIPHOSPHATE"
6 non-polymer 'SULFATE ION'
7 water water
#
loop_
_entity_poly.entity_id
_entity_poly.type
_entity_poly.pdbx_seq_one_letter_code
_entity_poly.pdbx_strand_id
1 'polypeptide(L)'
;SLEGGVVVPVDYHLLMMFTKAEHNAPLQAKARVALSSLLRLAKFEAHEVLNLHFVSEEASREVAKALLRELLPPAAGFKC
KVIFHDVAVLTDKLFPVVEAMQKYFSAGSGTYYSDSIFFLSVAMHQIMPKEIPRIIQLDLDLKYKTNIRELFEEFDNFLP
GAVIGIAREMQPVYRHTFWQFRHENPKTRVGDPPPEGLPGFNSGVMLLNLEAMRQSPLYSHLLEPSWVQQLADKYHFRGH
LGDQDFFTMIGMEHPELFHVLDCTWNRQLCTWWRDHGYSDVFQAYFRCEGHVKIYHGNCNTPIPED
;
A
2 'polypeptide(L)' MDIVDGDQCESNPCLNGGSCKDDINSYECWCPFGFEGKNCELLEHHHHHH D
#
# COMPACT_ATOMS: atom_id res chain seq x y z
N VAL A 7 29.25 11.28 -18.36
CA VAL A 7 28.59 10.61 -17.24
C VAL A 7 27.46 9.75 -17.72
N VAL A 8 27.40 8.52 -17.25
CA VAL A 8 26.33 7.64 -17.64
C VAL A 8 25.20 7.96 -16.69
N PRO A 9 24.11 8.43 -17.25
CA PRO A 9 22.93 8.89 -16.50
C PRO A 9 22.33 7.79 -15.63
N VAL A 10 22.02 8.15 -14.38
CA VAL A 10 21.46 7.23 -13.40
C VAL A 10 20.00 7.64 -13.15
N ASP A 11 19.08 6.69 -13.37
CA ASP A 11 17.65 6.94 -13.24
C ASP A 11 17.08 6.50 -11.89
N TYR A 12 16.22 7.33 -11.34
CA TYR A 12 15.44 6.99 -10.15
C TYR A 12 13.94 7.01 -10.50
N HIS A 13 13.20 6.01 -10.07
CA HIS A 13 11.80 5.87 -10.51
C HIS A 13 10.84 5.83 -9.36
N LEU A 14 9.84 6.71 -9.40
CA LEU A 14 8.73 6.73 -8.44
C LEU A 14 7.44 6.49 -9.24
N LEU A 15 6.44 5.87 -8.61
CA LEU A 15 5.13 5.67 -9.24
C LEU A 15 4.01 6.00 -8.25
N MET A 16 3.06 6.80 -8.72
CA MET A 16 1.90 7.21 -7.94
C MET A 16 0.62 6.97 -8.74
N MET A 17 -0.39 6.44 -8.07
CA MET A 17 -1.72 6.32 -8.60
C MET A 17 -2.41 7.68 -8.54
N PHE A 18 -2.97 8.13 -9.65
CA PHE A 18 -3.68 9.43 -9.63
C PHE A 18 -4.85 9.39 -10.59
N THR A 19 -5.98 8.88 -10.11
CA THR A 19 -7.14 8.58 -10.94
C THR A 19 -8.39 9.25 -10.37
N LYS A 20 -9.39 9.47 -11.23
CA LYS A 20 -10.65 10.10 -10.83
C LYS A 20 -10.40 11.44 -10.11
N ALA A 21 -9.40 12.19 -10.58
CA ALA A 21 -9.00 13.44 -9.92
C ALA A 21 -9.76 14.71 -10.36
N GLU A 22 -10.49 14.65 -11.47
CA GLU A 22 -11.24 15.81 -11.96
C GLU A 22 -12.44 16.08 -11.05
N HIS A 23 -12.63 17.34 -10.65
CA HIS A 23 -13.71 17.69 -9.70
C HIS A 23 -13.61 16.89 -8.42
N ASN A 24 -12.39 16.50 -8.07
CA ASN A 24 -12.13 15.87 -6.79
C ASN A 24 -11.06 16.69 -6.07
N ALA A 25 -11.52 17.77 -5.43
CA ALA A 25 -10.62 18.72 -4.79
C ALA A 25 -9.83 18.14 -3.61
N PRO A 26 -10.47 17.29 -2.77
CA PRO A 26 -9.66 16.69 -1.71
C PRO A 26 -8.44 15.90 -2.23
N LEU A 27 -8.62 15.12 -3.30
CA LEU A 27 -7.50 14.40 -3.91
C LEU A 27 -6.44 15.32 -4.50
N GLN A 28 -6.86 16.36 -5.22
CA GLN A 28 -5.92 17.33 -5.80
C GLN A 28 -5.08 18.02 -4.72
N ALA A 29 -5.72 18.40 -3.61
CA ALA A 29 -5.00 19.07 -2.53
C ALA A 29 -4.00 18.12 -1.87
N LYS A 30 -4.42 16.87 -1.72
CA LYS A 30 -3.50 15.85 -1.22
C LYS A 30 -2.29 15.72 -2.14
N ALA A 31 -2.56 15.61 -3.44
CA ALA A 31 -1.49 15.46 -4.43
C ALA A 31 -0.53 16.66 -4.39
N ARG A 32 -1.12 17.83 -4.19
CA ARG A 32 -0.38 19.08 -4.06
C ARG A 32 0.57 19.08 -2.88
N VAL A 33 0.09 18.61 -1.73
CA VAL A 33 0.92 18.53 -0.53
C VAL A 33 2.04 17.50 -0.71
N ALA A 34 1.70 16.35 -1.28
CA ALA A 34 2.70 15.32 -1.52
C ALA A 34 3.78 15.79 -2.50
N LEU A 35 3.36 16.24 -3.67
CA LEU A 35 4.30 16.58 -4.73
C LEU A 35 5.17 17.82 -4.44
N SER A 36 4.60 18.84 -3.78
CA SER A 36 5.43 20.00 -3.41
C SER A 36 6.52 19.65 -2.38
N SER A 37 6.18 18.91 -1.33
CA SER A 37 7.17 18.52 -0.31
C SER A 37 8.25 17.61 -0.90
N LEU A 38 7.80 16.66 -1.70
CA LEU A 38 8.69 15.79 -2.45
C LEU A 38 9.74 16.61 -3.20
N LEU A 39 9.27 17.52 -4.04
CA LEU A 39 10.12 18.23 -4.96
C LEU A 39 10.96 19.31 -4.26
N ARG A 40 10.34 20.00 -3.30
CA ARG A 40 11.05 20.99 -2.49
C ARG A 40 12.27 20.40 -1.79
N LEU A 41 12.12 19.19 -1.23
CA LEU A 41 13.19 18.58 -0.42
C LEU A 41 14.14 17.62 -1.13
N ALA A 42 13.81 17.22 -2.35
CA ALA A 42 14.64 16.27 -3.09
C ALA A 42 15.94 16.90 -3.58
N LYS A 43 17.02 16.11 -3.53
CA LYS A 43 18.32 16.53 -4.06
C LYS A 43 18.94 15.34 -4.76
N PHE A 44 19.34 15.56 -6.00
CA PHE A 44 19.98 14.53 -6.80
C PHE A 44 21.25 15.09 -7.46
N GLU A 45 22.25 14.24 -7.65
CA GLU A 45 23.48 14.65 -8.32
C GLU A 45 23.20 14.95 -9.79
N ALA A 46 24.13 15.63 -10.45
CA ALA A 46 23.91 16.20 -11.79
C ALA A 46 23.56 15.17 -12.87
N HIS A 47 24.16 13.99 -12.79
CA HIS A 47 23.96 12.92 -13.76
C HIS A 47 22.70 12.13 -13.52
N GLU A 48 22.02 12.40 -12.41
CA GLU A 48 20.84 11.63 -12.00
C GLU A 48 19.52 12.25 -12.47
N VAL A 49 18.54 11.40 -12.77
CA VAL A 49 17.22 11.86 -13.18
C VAL A 49 16.11 11.18 -12.35
N LEU A 50 15.19 12.01 -11.82
CA LEU A 50 14.03 11.52 -11.10
C LEU A 50 12.85 11.31 -12.06
N ASN A 51 12.44 10.06 -12.23
CA ASN A 51 11.31 9.75 -13.08
C ASN A 51 10.02 9.60 -12.27
N LEU A 52 9.06 10.46 -12.57
CA LEU A 52 7.76 10.45 -11.88
C LEU A 52 6.71 9.81 -12.77
N HIS A 53 6.35 8.58 -12.41
CA HIS A 53 5.33 7.82 -13.12
C HIS A 53 3.98 8.05 -12.51
N PHE A 54 3.01 8.45 -13.34
CA PHE A 54 1.63 8.58 -12.86
C PHE A 54 0.70 7.64 -13.60
N VAL A 55 -0.11 6.91 -12.83
CA VAL A 55 -1.15 6.05 -13.39
C VAL A 55 -2.48 6.80 -13.29
N SER A 56 -3.03 7.12 -14.46
CA SER A 56 -4.12 8.08 -14.58
C SER A 56 -4.96 7.79 -15.81
N GLU A 57 -6.27 7.99 -15.73
CA GLU A 57 -7.08 8.07 -16.95
C GLU A 57 -6.85 9.47 -17.55
N GLU A 58 -7.36 9.71 -18.76
CA GLU A 58 -6.98 10.94 -19.44
C GLU A 58 -7.36 12.25 -18.73
N ALA A 59 -8.52 12.31 -18.07
CA ALA A 59 -8.89 13.55 -17.32
C ALA A 59 -7.88 13.86 -16.20
N SER A 60 -7.52 12.85 -15.40
CA SER A 60 -6.53 13.06 -14.33
C SER A 60 -5.14 13.34 -14.82
N ARG A 61 -4.79 12.87 -16.03
CA ARG A 61 -3.48 13.18 -16.61
C ARG A 61 -3.37 14.69 -16.79
N GLU A 62 -4.44 15.31 -17.27
CA GLU A 62 -4.49 16.74 -17.49
C GLU A 62 -4.44 17.52 -16.19
N VAL A 63 -5.15 17.05 -15.17
CA VAL A 63 -5.07 17.67 -13.85
C VAL A 63 -3.65 17.57 -13.33
N ALA A 64 -3.03 16.39 -13.44
CA ALA A 64 -1.65 16.20 -12.99
C ALA A 64 -0.69 17.14 -13.71
N LYS A 65 -0.88 17.32 -15.02
CA LYS A 65 0.02 18.18 -15.79
C LYS A 65 -0.05 19.62 -15.31
N ALA A 66 -1.26 20.11 -15.08
CA ALA A 66 -1.46 21.47 -14.56
C ALA A 66 -0.81 21.66 -13.18
N LEU A 67 -0.95 20.68 -12.30
CA LEU A 67 -0.29 20.73 -10.99
C LEU A 67 1.25 20.66 -11.13
N LEU A 68 1.74 19.78 -12.00
CA LEU A 68 3.17 19.60 -12.16
C LEU A 68 3.88 20.82 -12.72
N ARG A 69 3.27 21.49 -13.71
CA ARG A 69 3.90 22.68 -14.31
C ARG A 69 4.16 23.80 -13.29
N GLU A 70 3.25 23.94 -12.34
CA GLU A 70 3.40 24.87 -11.23
C GLU A 70 4.52 24.50 -10.24
N LEU A 71 5.02 23.26 -10.30
CA LEU A 71 6.02 22.76 -9.35
C LEU A 71 7.37 22.41 -9.94
N LEU A 72 7.43 22.35 -11.27
CA LEU A 72 8.64 22.02 -11.99
C LEU A 72 9.06 23.24 -12.80
N PRO A 73 10.38 23.43 -13.01
CA PRO A 73 11.47 22.59 -12.51
C PRO A 73 11.63 22.71 -11.00
N PRO A 74 12.23 21.69 -10.35
CA PRO A 74 12.39 21.73 -8.89
C PRO A 74 13.43 22.75 -8.46
N ALA A 75 13.21 23.37 -7.30
CA ALA A 75 14.15 24.33 -6.71
C ALA A 75 15.58 23.85 -6.85
N ALA A 76 15.84 22.62 -6.42
CA ALA A 76 17.18 22.04 -6.43
C ALA A 76 17.83 21.92 -7.82
N GLY A 77 17.05 22.12 -8.88
CA GLY A 77 17.59 22.21 -10.25
C GLY A 77 18.03 20.91 -10.92
N PHE A 78 17.71 19.77 -10.30
CA PHE A 78 18.01 18.45 -10.86
C PHE A 78 17.06 18.07 -12.01
N LYS A 79 17.45 17.09 -12.81
CA LYS A 79 16.66 16.65 -13.95
C LYS A 79 15.46 15.80 -13.50
N CYS A 80 14.29 16.12 -14.01
CA CYS A 80 13.07 15.38 -13.67
C CYS A 80 12.23 15.07 -14.91
N LYS A 81 11.86 13.80 -15.08
CA LYS A 81 11.00 13.39 -16.19
C LYS A 81 9.65 12.87 -15.71
N VAL A 82 8.57 13.32 -16.35
CA VAL A 82 7.22 12.89 -16.04
C VAL A 82 6.71 11.88 -17.07
N ILE A 83 6.16 10.76 -16.58
CA ILE A 83 5.60 9.72 -17.43
C ILE A 83 4.18 9.33 -16.98
N PHE A 84 3.27 9.21 -17.95
CA PHE A 84 1.93 8.75 -17.65
C PHE A 84 1.67 7.38 -18.24
N HIS A 85 1.01 6.55 -17.43
CA HIS A 85 0.55 5.24 -17.81
C HIS A 85 -0.94 5.20 -17.73
N ASP A 86 -1.57 4.67 -18.78
CA ASP A 86 -3.03 4.59 -18.89
C ASP A 86 -3.59 3.54 -17.93
N VAL A 87 -4.46 3.96 -17.00
CA VAL A 87 -5.08 3.02 -16.06
C VAL A 87 -5.79 1.86 -16.78
N ALA A 88 -6.38 2.13 -17.94
CA ALA A 88 -7.09 1.10 -18.70
C ALA A 88 -6.13 0.06 -19.33
N VAL A 89 -5.00 0.53 -19.85
CA VAL A 89 -3.99 -0.38 -20.44
C VAL A 89 -3.37 -1.26 -19.35
N LEU A 90 -3.07 -0.64 -18.21
CA LEU A 90 -2.51 -1.37 -17.10
C LEU A 90 -3.52 -2.38 -16.53
N THR A 91 -4.79 -1.99 -16.47
CA THR A 91 -5.82 -2.90 -15.98
C THR A 91 -5.85 -4.19 -16.80
N ASP A 92 -5.80 -4.09 -18.13
CA ASP A 92 -5.85 -5.28 -18.99
C ASP A 92 -4.61 -6.17 -18.89
N LYS A 93 -3.43 -5.56 -18.79
CA LYS A 93 -2.18 -6.31 -18.52
C LYS A 93 -2.18 -6.98 -17.14
N LEU A 94 -2.78 -6.32 -16.16
CA LEU A 94 -2.80 -6.88 -14.80
C LEU A 94 -3.75 -8.04 -14.62
N PHE A 95 -4.91 -7.96 -15.27
CA PHE A 95 -6.02 -8.84 -14.95
C PHE A 95 -5.72 -10.35 -14.99
N PRO A 96 -5.06 -10.86 -16.06
CA PRO A 96 -4.73 -12.30 -16.06
C PRO A 96 -3.93 -12.73 -14.81
N VAL A 97 -2.94 -11.94 -14.43
CA VAL A 97 -2.09 -12.21 -13.28
C VAL A 97 -2.90 -12.09 -11.98
N VAL A 98 -3.78 -11.10 -11.94
CA VAL A 98 -4.35 -10.63 -10.68
C VAL A 98 -5.78 -11.10 -10.38
N GLU A 99 -6.47 -11.59 -11.41
CA GLU A 99 -7.87 -12.04 -11.34
C GLU A 99 -8.20 -12.89 -10.12
N ALA A 100 -7.41 -13.94 -9.89
CA ALA A 100 -7.72 -14.93 -8.85
C ALA A 100 -7.61 -14.38 -7.43
N MET A 101 -6.74 -13.40 -7.21
CA MET A 101 -6.67 -12.79 -5.88
C MET A 101 -7.77 -11.77 -5.60
N GLN A 102 -8.39 -11.25 -6.66
CA GLN A 102 -9.36 -10.18 -6.52
C GLN A 102 -10.51 -10.51 -5.59
N LYS A 103 -11.07 -11.72 -5.72
CA LYS A 103 -12.19 -12.12 -4.85
C LYS A 103 -11.88 -12.13 -3.35
N TYR A 104 -10.61 -12.23 -2.98
CA TYR A 104 -10.19 -12.23 -1.55
C TYR A 104 -9.86 -10.85 -0.98
N PHE A 105 -9.43 -9.94 -1.85
CA PHE A 105 -8.87 -8.67 -1.40
C PHE A 105 -9.56 -7.42 -1.97
N SER A 106 -10.67 -7.59 -2.68
CA SER A 106 -11.36 -6.43 -3.23
C SER A 106 -12.66 -6.18 -2.48
N ALA A 107 -13.06 -4.91 -2.42
CA ALA A 107 -14.40 -4.52 -1.97
C ALA A 107 -15.43 -4.82 -3.07
N GLY A 108 -16.29 -5.83 -2.90
CA GLY A 108 -16.21 -6.85 -1.86
C GLY A 108 -16.10 -8.21 -2.55
N SER A 109 -17.11 -8.54 -3.36
CA SER A 109 -17.00 -9.64 -4.35
C SER A 109 -18.01 -9.44 -5.50
N GLY A 110 -17.75 -10.02 -6.67
CA GLY A 110 -16.57 -10.83 -6.95
C GLY A 110 -15.46 -10.09 -7.68
N THR A 111 -15.27 -10.42 -8.96
CA THR A 111 -14.07 -10.00 -9.69
C THR A 111 -14.39 -8.95 -10.75
N TYR A 112 -14.10 -7.69 -10.43
CA TYR A 112 -14.40 -6.56 -11.32
C TYR A 112 -13.14 -5.89 -11.86
N TYR A 113 -13.17 -5.48 -13.11
CA TYR A 113 -12.03 -4.75 -13.70
C TYR A 113 -11.64 -3.52 -12.89
N SER A 114 -12.63 -2.84 -12.35
CA SER A 114 -12.40 -1.61 -11.60
C SER A 114 -11.55 -1.79 -10.35
N ASP A 115 -11.41 -3.03 -9.87
CA ASP A 115 -10.58 -3.31 -8.69
C ASP A 115 -9.16 -3.72 -9.05
N SER A 116 -8.94 -4.10 -10.31
CA SER A 116 -7.66 -4.70 -10.73
C SER A 116 -6.46 -3.79 -10.49
N ILE A 117 -6.63 -2.50 -10.72
CA ILE A 117 -5.56 -1.54 -10.57
C ILE A 117 -5.03 -1.45 -9.12
N PHE A 118 -5.86 -1.81 -8.13
CA PHE A 118 -5.42 -1.79 -6.72
C PHE A 118 -4.42 -2.91 -6.43
N PHE A 119 -4.13 -3.72 -7.45
CA PHE A 119 -3.17 -4.80 -7.30
C PHE A 119 -1.93 -4.57 -8.15
N LEU A 120 -1.80 -3.36 -8.71
CA LEU A 120 -0.70 -3.05 -9.62
C LEU A 120 0.68 -3.40 -9.06
N SER A 121 0.92 -3.11 -7.78
CA SER A 121 2.24 -3.34 -7.20
C SER A 121 2.62 -4.81 -7.20
N VAL A 122 1.64 -5.69 -7.04
CA VAL A 122 1.93 -7.13 -6.94
C VAL A 122 2.51 -7.67 -8.25
N ALA A 123 2.10 -7.07 -9.37
CA ALA A 123 2.55 -7.52 -10.71
C ALA A 123 3.32 -6.43 -11.45
N MET A 124 3.87 -5.47 -10.69
CA MET A 124 4.63 -4.34 -11.25
C MET A 124 5.82 -4.76 -12.11
N HIS A 125 6.45 -5.86 -11.73
CA HIS A 125 7.61 -6.42 -12.45
C HIS A 125 7.24 -6.95 -13.81
N GLN A 126 5.97 -7.27 -14.01
CA GLN A 126 5.49 -7.72 -15.31
C GLN A 126 4.92 -6.56 -16.13
N ILE A 127 4.71 -5.42 -15.47
CA ILE A 127 4.07 -4.28 -16.13
C ILE A 127 5.07 -3.25 -16.63
N MET A 128 6.04 -2.89 -15.80
CA MET A 128 7.06 -1.91 -16.18
C MET A 128 8.06 -2.56 -17.15
N PRO A 129 8.61 -1.77 -18.09
CA PRO A 129 9.67 -2.26 -18.98
C PRO A 129 10.80 -2.89 -18.18
N LYS A 130 11.46 -3.88 -18.76
CA LYS A 130 12.57 -4.57 -18.09
C LYS A 130 13.75 -3.65 -17.73
N GLU A 131 13.90 -2.55 -18.46
CA GLU A 131 14.98 -1.60 -18.21
C GLU A 131 14.88 -0.98 -16.82
N ILE A 132 13.65 -0.84 -16.31
CA ILE A 132 13.43 -0.37 -14.93
C ILE A 132 13.68 -1.54 -13.93
N PRO A 133 14.80 -1.46 -13.17
CA PRO A 133 15.07 -2.55 -12.24
C PRO A 133 14.37 -2.41 -10.89
N ARG A 134 14.00 -1.18 -10.52
CA ARG A 134 13.44 -0.88 -9.20
C ARG A 134 12.54 0.31 -9.33
N ILE A 135 11.54 0.41 -8.46
CA ILE A 135 10.63 1.54 -8.46
C ILE A 135 10.04 1.70 -7.07
N ILE A 136 9.75 2.94 -6.68
CA ILE A 136 9.09 3.15 -5.40
C ILE A 136 7.67 3.63 -5.64
N GLN A 137 6.71 2.86 -5.16
CA GLN A 137 5.32 3.24 -5.35
C GLN A 137 4.85 3.97 -4.11
N LEU A 138 4.23 5.14 -4.32
CA LEU A 138 3.90 6.06 -3.24
C LEU A 138 2.42 6.48 -3.33
N ASP A 139 1.75 6.52 -2.18
CA ASP A 139 0.43 7.16 -2.11
C ASP A 139 0.56 8.67 -2.32
N LEU A 140 -0.57 9.33 -2.58
CA LEU A 140 -0.54 10.79 -2.74
C LEU A 140 -1.02 11.57 -1.50
N ASP A 141 -1.48 10.84 -0.48
CA ASP A 141 -1.87 11.45 0.80
C ASP A 141 -0.67 11.42 1.78
N LEU A 142 0.50 11.75 1.24
CA LEU A 142 1.76 11.77 1.98
C LEU A 142 2.29 13.20 2.15
N LYS A 143 3.21 13.37 3.10
CA LYS A 143 3.99 14.59 3.19
C LYS A 143 5.42 14.18 3.44
N TYR A 144 6.33 14.62 2.58
CA TYR A 144 7.73 14.25 2.68
C TYR A 144 8.49 15.23 3.58
N LYS A 145 9.28 14.70 4.52
CA LYS A 145 10.09 15.52 5.45
C LYS A 145 11.59 15.31 5.25
N THR A 146 11.97 14.68 4.14
CA THR A 146 13.38 14.43 3.82
C THR A 146 13.59 14.26 2.32
N ASN A 147 14.85 14.14 1.91
CA ASN A 147 15.20 13.90 0.51
C ASN A 147 14.85 12.46 0.11
N ILE A 148 13.87 12.33 -0.78
CA ILE A 148 13.38 11.03 -1.25
C ILE A 148 14.52 10.13 -1.71
N ARG A 149 15.60 10.75 -2.21
CA ARG A 149 16.81 10.00 -2.60
C ARG A 149 17.34 9.08 -1.51
N GLU A 150 17.15 9.45 -0.25
CA GLU A 150 17.60 8.65 0.90
C GLU A 150 16.86 7.32 1.02
N LEU A 151 15.59 7.30 0.59
CA LEU A 151 14.82 6.05 0.62
C LEU A 151 15.44 4.95 -0.26
N PHE A 152 15.99 5.35 -1.40
CA PHE A 152 16.60 4.39 -2.33
C PHE A 152 17.73 3.55 -1.75
N GLU A 153 18.42 4.07 -0.74
CA GLU A 153 19.52 3.32 -0.13
C GLU A 153 19.01 2.09 0.63
N GLU A 154 17.76 2.13 1.10
CA GLU A 154 17.12 0.96 1.74
C GLU A 154 17.05 -0.28 0.84
N PHE A 155 17.17 -0.11 -0.48
CA PHE A 155 17.28 -1.23 -1.41
C PHE A 155 18.54 -2.06 -1.08
N ASP A 156 19.59 -1.38 -0.68
CA ASP A 156 20.85 -2.03 -0.28
C ASP A 156 20.73 -2.91 0.97
N ASN A 157 19.69 -2.69 1.77
CA ASN A 157 19.44 -3.47 2.97
C ASN A 157 18.58 -4.73 2.79
N PHE A 158 18.16 -5.02 1.56
CA PHE A 158 17.42 -6.24 1.26
C PHE A 158 18.31 -7.46 1.52
N LEU A 159 17.83 -8.38 2.35
CA LEU A 159 18.51 -9.64 2.60
C LEU A 159 18.21 -10.59 1.43
N PRO A 160 19.06 -11.62 1.23
CA PRO A 160 18.83 -12.56 0.14
C PRO A 160 17.40 -13.10 0.19
N GLY A 161 16.73 -13.15 -0.95
CA GLY A 161 15.36 -13.63 -1.01
C GLY A 161 14.29 -12.55 -0.92
N ALA A 162 14.64 -11.40 -0.30
CA ALA A 162 13.69 -10.28 -0.17
C ALA A 162 13.43 -9.60 -1.51
N VAL A 163 12.16 -9.32 -1.79
CA VAL A 163 11.79 -8.73 -3.08
C VAL A 163 11.18 -7.34 -2.93
N ILE A 164 10.63 -7.05 -1.76
CA ILE A 164 9.86 -5.82 -1.51
C ILE A 164 10.23 -5.19 -0.16
N GLY A 165 10.37 -3.86 -0.14
CA GLY A 165 10.52 -3.09 1.10
C GLY A 165 9.21 -2.41 1.48
N ILE A 166 8.76 -2.61 2.70
CA ILE A 166 7.43 -2.15 3.08
C ILE A 166 7.37 -1.94 4.60
N ALA A 167 6.65 -0.91 5.02
CA ALA A 167 6.52 -0.61 6.46
C ALA A 167 5.30 -1.35 7.01
N ARG A 168 5.28 -1.56 8.32
CA ARG A 168 4.18 -2.27 8.96
C ARG A 168 2.92 -1.43 9.00
N GLU A 169 1.77 -2.10 9.10
CA GLU A 169 0.51 -1.43 9.33
C GLU A 169 0.46 -1.00 10.79
N MET A 170 0.09 0.27 11.03
CA MET A 170 0.15 0.90 12.34
C MET A 170 -1.19 1.00 13.08
N GLN A 171 -2.20 0.29 12.57
CA GLN A 171 -3.44 0.03 13.28
C GLN A 171 -3.65 -1.47 13.37
N PRO A 172 -4.51 -1.93 14.30
CA PRO A 172 -4.86 -3.35 14.46
C PRO A 172 -5.85 -3.88 13.42
N VAL A 173 -5.83 -3.36 12.19
CA VAL A 173 -6.79 -3.81 11.16
C VAL A 173 -6.62 -5.31 10.88
N TYR A 174 -5.37 -5.78 10.90
CA TYR A 174 -5.08 -7.19 10.63
C TYR A 174 -5.33 -8.09 11.85
N ARG A 175 -5.20 -7.53 13.04
CA ARG A 175 -5.70 -8.21 14.24
C ARG A 175 -7.17 -8.58 14.01
N HIS A 176 -7.94 -7.62 13.49
CA HIS A 176 -9.37 -7.81 13.20
C HIS A 176 -9.64 -8.79 12.07
N THR A 177 -8.98 -8.59 10.94
CA THR A 177 -9.10 -9.44 9.76
C THR A 177 -8.72 -10.91 9.98
N PHE A 178 -7.73 -11.16 10.83
CA PHE A 178 -7.21 -12.53 11.01
C PHE A 178 -7.85 -13.20 12.22
N TRP A 179 -9.00 -12.68 12.65
CA TRP A 179 -9.61 -13.09 13.91
C TRP A 179 -9.79 -14.59 14.03
N GLN A 180 -10.33 -15.21 12.98
CA GLN A 180 -10.61 -16.62 13.01
C GLN A 180 -9.34 -17.47 13.04
N PHE A 181 -8.33 -17.08 12.26
CA PHE A 181 -7.04 -17.75 12.36
C PHE A 181 -6.45 -17.58 13.76
N ARG A 182 -6.55 -16.37 14.32
CA ARG A 182 -6.09 -16.12 15.69
C ARG A 182 -6.81 -17.00 16.72
N HIS A 183 -8.13 -17.10 16.56
CA HIS A 183 -8.98 -17.93 17.42
C HIS A 183 -8.58 -19.39 17.38
N GLU A 184 -8.28 -19.90 16.19
CA GLU A 184 -7.93 -21.31 16.00
C GLU A 184 -6.47 -21.57 16.37
N ASN A 185 -5.68 -20.50 16.41
CA ASN A 185 -4.27 -20.59 16.77
C ASN A 185 -3.94 -19.58 17.86
N PRO A 186 -4.39 -19.86 19.09
CA PRO A 186 -4.22 -18.93 20.23
C PRO A 186 -2.81 -18.33 20.33
N LYS A 187 -1.80 -19.13 19.97
CA LYS A 187 -0.40 -18.74 20.16
C LYS A 187 0.26 -18.02 18.98
N THR A 188 -0.52 -17.71 17.93
CA THR A 188 0.05 -17.09 16.72
C THR A 188 0.55 -15.66 16.93
N ARG A 189 1.58 -15.28 16.19
CA ARG A 189 2.03 -13.88 16.14
C ARG A 189 1.32 -13.07 15.01
N VAL A 190 0.57 -13.79 14.19
CA VAL A 190 -0.21 -13.22 13.08
C VAL A 190 -1.26 -12.21 13.59
N GLY A 191 -1.02 -10.93 13.30
CA GLY A 191 -1.97 -9.89 13.68
C GLY A 191 -1.63 -9.20 14.99
N ASP A 192 -0.63 -9.72 15.70
CA ASP A 192 -0.11 -9.12 16.92
C ASP A 192 0.68 -7.86 16.63
N PRO A 193 0.78 -6.95 17.63
CA PRO A 193 1.59 -5.73 17.48
C PRO A 193 3.08 -6.03 17.43
N PRO A 194 3.89 -5.06 16.95
CA PRO A 194 5.33 -5.21 17.05
C PRO A 194 5.75 -4.94 18.51
N PRO A 195 7.02 -5.26 18.88
CA PRO A 195 8.10 -5.68 17.97
C PRO A 195 8.15 -7.16 17.61
N GLU A 196 7.44 -8.01 18.35
CA GLU A 196 7.48 -9.46 18.08
C GLU A 196 6.26 -10.03 17.33
N GLY A 197 5.21 -9.22 17.16
CA GLY A 197 4.03 -9.68 16.43
C GLY A 197 4.14 -9.36 14.95
N LEU A 198 3.22 -9.91 14.16
CA LEU A 198 3.18 -9.66 12.72
C LEU A 198 1.89 -8.88 12.41
N PRO A 199 1.97 -7.54 12.48
CA PRO A 199 0.80 -6.70 12.38
C PRO A 199 0.30 -6.49 10.94
N GLY A 200 1.06 -7.02 9.97
CA GLY A 200 0.75 -6.81 8.56
C GLY A 200 1.40 -5.55 8.02
N PHE A 201 1.06 -5.21 6.77
CA PHE A 201 1.74 -4.12 6.07
C PHE A 201 0.80 -2.99 5.63
N ASN A 202 1.37 -1.81 5.44
CA ASN A 202 0.67 -0.70 4.84
C ASN A 202 1.30 -0.41 3.48
N SER A 203 0.48 -0.19 2.46
CA SER A 203 0.99 -0.03 1.07
C SER A 203 1.34 1.41 0.64
N GLY A 204 1.32 2.35 1.57
CA GLY A 204 1.51 3.77 1.22
C GLY A 204 2.89 4.08 0.69
N VAL A 205 3.89 3.26 1.06
CA VAL A 205 5.28 3.42 0.63
C VAL A 205 5.87 2.03 0.37
N MET A 206 6.27 1.74 -0.86
CA MET A 206 6.69 0.38 -1.19
C MET A 206 7.91 0.41 -2.12
N LEU A 207 8.95 -0.32 -1.72
CA LEU A 207 10.17 -0.43 -2.52
C LEU A 207 10.05 -1.72 -3.33
N LEU A 208 9.73 -1.57 -4.61
CA LEU A 208 9.46 -2.69 -5.48
C LEU A 208 10.74 -2.96 -6.26
N ASN A 209 11.44 -4.01 -5.86
CA ASN A 209 12.63 -4.40 -6.58
C ASN A 209 12.19 -5.35 -7.69
N LEU A 210 11.97 -4.77 -8.87
CA LEU A 210 11.34 -5.50 -9.99
C LEU A 210 12.20 -6.67 -10.42
N GLU A 211 13.51 -6.49 -10.42
CA GLU A 211 14.44 -7.58 -10.73
C GLU A 211 14.34 -8.76 -9.77
N ALA A 212 14.35 -8.48 -8.48
CA ALA A 212 14.23 -9.51 -7.47
C ALA A 212 12.85 -10.19 -7.51
N MET A 213 11.79 -9.42 -7.75
CA MET A 213 10.45 -10.00 -7.96
C MET A 213 10.49 -10.95 -9.17
N ARG A 214 11.02 -10.46 -10.30
CA ARG A 214 11.12 -11.29 -11.53
C ARG A 214 11.94 -12.54 -11.26
N GLN A 215 13.02 -12.38 -10.52
CA GLN A 215 13.99 -13.45 -10.34
C GLN A 215 13.68 -14.43 -9.18
N SER A 216 12.62 -14.17 -8.41
CA SER A 216 12.27 -15.03 -7.27
C SER A 216 11.29 -16.14 -7.62
N PRO A 217 11.74 -17.42 -7.47
CA PRO A 217 10.86 -18.58 -7.68
C PRO A 217 9.72 -18.62 -6.68
N LEU A 218 10.00 -18.33 -5.42
CA LEU A 218 8.96 -18.26 -4.40
C LEU A 218 7.87 -17.22 -4.76
N TYR A 219 8.30 -16.00 -5.10
CA TYR A 219 7.36 -14.92 -5.38
C TYR A 219 6.45 -15.28 -6.55
N SER A 220 7.05 -15.81 -7.62
CA SER A 220 6.29 -16.26 -8.81
C SER A 220 5.24 -17.32 -8.50
N HIS A 221 5.58 -18.24 -7.59
CA HIS A 221 4.63 -19.27 -7.18
C HIS A 221 3.45 -18.71 -6.45
N LEU A 222 3.71 -17.74 -5.57
CA LEU A 222 2.67 -17.12 -4.75
C LEU A 222 1.62 -16.37 -5.57
N LEU A 223 1.98 -15.96 -6.79
CA LEU A 223 1.06 -15.29 -7.71
C LEU A 223 0.08 -16.24 -8.37
N GLU A 224 0.39 -17.54 -8.36
CA GLU A 224 -0.44 -18.54 -9.01
C GLU A 224 -1.78 -18.72 -8.28
N PRO A 225 -2.88 -18.83 -9.05
CA PRO A 225 -4.23 -18.96 -8.50
C PRO A 225 -4.35 -19.98 -7.35
N SER A 226 -3.76 -21.16 -7.50
CA SER A 226 -3.94 -22.18 -6.46
C SER A 226 -3.20 -21.86 -5.16
N TRP A 227 -2.07 -21.15 -5.26
CA TRP A 227 -1.35 -20.70 -4.07
C TRP A 227 -2.06 -19.59 -3.36
N VAL A 228 -2.55 -18.61 -4.11
CA VAL A 228 -3.38 -17.53 -3.55
C VAL A 228 -4.56 -18.16 -2.78
N GLN A 229 -5.26 -19.08 -3.44
CA GLN A 229 -6.40 -19.77 -2.84
C GLN A 229 -6.05 -20.60 -1.61
N GLN A 230 -4.93 -21.32 -1.63
CA GLN A 230 -4.56 -22.16 -0.49
C GLN A 230 -4.28 -21.33 0.75
N LEU A 231 -3.58 -20.21 0.56
CA LEU A 231 -3.20 -19.34 1.68
C LEU A 231 -4.39 -18.55 2.24
N ALA A 232 -5.25 -18.05 1.35
CA ALA A 232 -6.48 -17.38 1.76
C ALA A 232 -7.38 -18.33 2.56
N ASP A 233 -7.43 -19.60 2.16
CA ASP A 233 -8.17 -20.64 2.89
C ASP A 233 -7.54 -20.90 4.25
N LYS A 234 -6.23 -21.10 4.25
CA LYS A 234 -5.51 -21.34 5.48
C LYS A 234 -5.71 -20.21 6.50
N TYR A 235 -5.67 -18.96 6.03
CA TYR A 235 -5.78 -17.82 6.91
C TYR A 235 -7.21 -17.30 7.11
N HIS A 236 -8.18 -17.91 6.42
CA HIS A 236 -9.57 -17.45 6.41
C HIS A 236 -9.63 -15.98 6.11
N PHE A 237 -8.93 -15.57 5.06
CA PHE A 237 -8.62 -14.16 4.87
C PHE A 237 -9.56 -13.55 3.85
N ARG A 238 -10.18 -12.44 4.24
CA ARG A 238 -11.01 -11.60 3.36
C ARG A 238 -10.56 -10.17 3.66
N GLY A 239 -10.42 -9.36 2.61
CA GLY A 239 -10.04 -7.95 2.75
C GLY A 239 -10.62 -7.11 1.63
N HIS A 240 -10.32 -5.83 1.63
CA HIS A 240 -10.77 -4.92 0.58
C HIS A 240 -9.74 -3.86 0.34
N LEU A 241 -8.51 -4.12 0.79
CA LEU A 241 -7.39 -3.18 0.61
C LEU A 241 -6.35 -3.60 -0.44
N GLY A 242 -6.68 -4.61 -1.24
CA GLY A 242 -5.95 -4.89 -2.47
C GLY A 242 -4.54 -5.41 -2.26
N ASP A 243 -3.57 -4.75 -2.88
CA ASP A 243 -2.16 -5.13 -2.81
C ASP A 243 -1.72 -5.28 -1.34
N GLN A 244 -2.07 -4.28 -0.52
CA GLN A 244 -1.76 -4.28 0.90
C GLN A 244 -2.15 -5.61 1.55
N ASP A 245 -3.39 -6.07 1.29
CA ASP A 245 -3.89 -7.34 1.83
C ASP A 245 -3.12 -8.56 1.33
N PHE A 246 -2.82 -8.60 0.03
CA PHE A 246 -2.03 -9.73 -0.53
C PHE A 246 -0.64 -9.82 0.07
N PHE A 247 0.09 -8.69 0.11
CA PHE A 247 1.41 -8.69 0.69
C PHE A 247 1.36 -9.06 2.18
N THR A 248 0.39 -8.51 2.90
CA THR A 248 0.22 -8.84 4.33
C THR A 248 0.09 -10.35 4.52
N MET A 249 -0.77 -10.96 3.71
CA MET A 249 -1.02 -12.41 3.76
C MET A 249 0.18 -13.30 3.44
N ILE A 250 0.83 -13.06 2.30
CA ILE A 250 2.03 -13.83 1.94
C ILE A 250 3.20 -13.45 2.86
N GLY A 251 3.12 -12.27 3.48
CA GLY A 251 4.04 -11.84 4.54
C GLY A 251 3.93 -12.65 5.82
N MET A 252 2.75 -13.19 6.11
CA MET A 252 2.55 -14.10 7.25
C MET A 252 3.23 -15.45 6.99
N GLU A 253 3.07 -15.95 5.77
CA GLU A 253 3.61 -17.23 5.38
C GLU A 253 5.10 -17.14 5.06
N HIS A 254 5.49 -16.05 4.41
CA HIS A 254 6.86 -15.91 3.94
C HIS A 254 7.47 -14.57 4.24
N PRO A 255 7.77 -14.32 5.53
CA PRO A 255 8.38 -13.04 5.90
C PRO A 255 9.73 -12.74 5.25
N GLU A 256 10.46 -13.76 4.80
CA GLU A 256 11.73 -13.55 4.09
C GLU A 256 11.59 -12.69 2.83
N LEU A 257 10.39 -12.63 2.28
CA LEU A 257 10.18 -11.87 1.04
C LEU A 257 10.27 -10.36 1.24
N PHE A 258 10.16 -9.92 2.48
CA PHE A 258 9.96 -8.50 2.74
C PHE A 258 11.06 -7.91 3.59
N HIS A 259 11.63 -6.81 3.12
CA HIS A 259 12.43 -5.95 3.95
C HIS A 259 11.51 -4.95 4.61
N VAL A 260 11.39 -5.06 5.92
CA VAL A 260 10.52 -4.18 6.69
C VAL A 260 11.20 -2.84 6.92
N LEU A 261 10.57 -1.79 6.40
CA LEU A 261 11.08 -0.43 6.58
C LEU A 261 10.74 0.06 7.98
N ASP A 262 11.57 0.94 8.52
CA ASP A 262 11.21 1.55 9.78
C ASP A 262 9.93 2.37 9.64
N CYS A 263 9.14 2.41 10.72
CA CYS A 263 7.88 3.15 10.77
C CYS A 263 7.98 4.62 10.37
N THR A 264 9.16 5.23 10.51
CA THR A 264 9.34 6.66 10.18
C THR A 264 9.30 6.93 8.65
N TRP A 265 9.42 5.85 7.87
CA TRP A 265 9.31 5.96 6.41
C TRP A 265 7.91 5.96 5.89
N ASN A 266 6.96 5.69 6.78
CA ASN A 266 5.53 5.65 6.43
C ASN A 266 4.74 5.80 7.70
N ARG A 267 4.84 6.98 8.33
CA ARG A 267 4.14 7.21 9.60
C ARG A 267 2.67 7.49 9.37
N GLN A 268 1.85 6.44 9.54
CA GLN A 268 0.42 6.51 9.29
C GLN A 268 -0.31 7.23 10.42
N LEU A 269 -1.25 8.10 10.06
CA LEU A 269 -1.95 8.97 11.03
C LEU A 269 -3.38 8.53 11.33
N CYS A 270 -3.92 7.66 10.48
CA CYS A 270 -5.27 7.13 10.68
C CYS A 270 -5.47 6.40 12.01
N THR A 271 -6.56 6.71 12.70
CA THR A 271 -6.87 6.11 14.00
C THR A 271 -8.25 5.46 13.99
N TRP A 272 -8.83 5.29 12.80
CA TRP A 272 -10.19 4.76 12.67
C TRP A 272 -10.44 3.51 13.49
N TRP A 273 -9.48 2.58 13.48
CA TRP A 273 -9.62 1.32 14.21
C TRP A 273 -9.57 1.42 15.73
N ARG A 274 -9.00 2.51 16.25
CA ARG A 274 -8.98 2.78 17.71
C ARG A 274 -10.41 2.83 18.24
N ASP A 275 -11.27 3.50 17.47
CA ASP A 275 -12.65 3.74 17.85
C ASP A 275 -13.61 2.65 17.37
N HIS A 276 -13.07 1.48 16.99
CA HIS A 276 -13.94 0.40 16.51
C HIS A 276 -13.62 -0.94 17.08
N GLY A 277 -13.23 -0.96 18.35
CA GLY A 277 -13.08 -2.21 19.08
C GLY A 277 -11.70 -2.48 19.63
N TYR A 278 -10.76 -1.55 19.39
CA TYR A 278 -9.34 -1.83 19.69
C TYR A 278 -8.64 -0.77 20.53
N SER A 279 -9.42 -0.01 21.30
CA SER A 279 -8.89 0.99 22.25
C SER A 279 -7.73 0.50 23.12
N ASP A 280 -7.86 -0.70 23.68
CA ASP A 280 -6.85 -1.26 24.58
C ASP A 280 -5.50 -1.47 23.89
N VAL A 281 -5.52 -2.15 22.74
CA VAL A 281 -4.29 -2.59 22.09
C VAL A 281 -3.75 -1.56 21.11
N PHE A 282 -4.55 -0.53 20.81
CA PHE A 282 -4.26 0.39 19.70
C PHE A 282 -2.88 1.02 19.76
N GLN A 283 -2.50 1.47 20.95
CA GLN A 283 -1.22 2.12 21.17
C GLN A 283 -0.04 1.28 20.74
N ALA A 284 -0.11 -0.02 21.02
CA ALA A 284 0.98 -0.94 20.70
C ALA A 284 1.23 -1.05 19.18
N TYR A 285 0.17 -0.86 18.39
CA TYR A 285 0.27 -0.82 16.92
C TYR A 285 0.74 0.53 16.41
N PHE A 286 0.20 1.60 16.99
CA PHE A 286 0.32 2.97 16.46
C PHE A 286 1.62 3.71 16.83
N ARG A 287 2.30 3.22 17.87
CA ARG A 287 3.52 3.83 18.39
C ARG A 287 4.64 3.86 17.37
N CYS A 288 5.13 5.06 17.05
CA CYS A 288 6.29 5.20 16.18
C CYS A 288 7.17 6.33 16.67
N GLU A 289 8.43 6.04 16.89
CA GLU A 289 9.36 7.06 17.37
C GLU A 289 10.61 7.13 16.52
N GLY A 290 11.29 8.27 16.59
CA GLY A 290 12.43 8.53 15.74
C GLY A 290 12.08 9.71 14.87
N HIS A 291 13.06 10.17 14.09
CA HIS A 291 12.86 11.31 13.21
C HIS A 291 12.03 10.90 12.00
N VAL A 292 10.83 11.48 11.88
CA VAL A 292 9.90 11.13 10.80
C VAL A 292 10.39 11.61 9.44
N LYS A 293 10.34 10.72 8.46
CA LYS A 293 10.77 11.02 7.10
C LYS A 293 9.56 11.23 6.17
N ILE A 294 8.54 10.39 6.33
CA ILE A 294 7.31 10.51 5.56
C ILE A 294 6.10 10.39 6.48
N TYR A 295 5.21 11.39 6.45
CA TYR A 295 3.88 11.27 7.04
C TYR A 295 2.87 10.71 6.03
N HIS A 296 1.96 9.88 6.53
CA HIS A 296 0.92 9.29 5.71
C HIS A 296 -0.39 9.61 6.35
N GLY A 297 -1.10 10.57 5.77
CA GLY A 297 -2.42 10.98 6.25
C GLY A 297 -3.53 10.08 5.77
N ASN A 298 -3.42 8.78 6.07
CA ASN A 298 -4.43 7.81 5.59
C ASN A 298 -5.80 8.04 6.21
N CYS A 299 -6.82 7.37 5.65
CA CYS A 299 -8.24 7.62 5.95
C CYS A 299 -8.55 9.12 6.10
N ASN A 300 -8.05 9.91 5.15
CA ASN A 300 -8.36 11.34 5.07
C ASN A 300 -8.00 12.11 6.32
N THR A 301 -6.96 11.67 7.03
CA THR A 301 -6.56 12.31 8.27
C THR A 301 -5.68 13.51 7.97
N PRO A 302 -6.08 14.70 8.45
CA PRO A 302 -5.23 15.88 8.27
C PRO A 302 -3.82 15.59 8.76
N ILE A 303 -2.82 15.95 7.98
CA ILE A 303 -1.42 15.85 8.37
C ILE A 303 -1.04 17.13 9.13
N PRO A 304 -0.32 17.01 10.27
CA PRO A 304 0.12 18.19 11.01
C PRO A 304 1.10 19.03 10.19
N GLU A 305 1.38 20.25 10.64
CA GLU A 305 2.33 21.12 9.93
C GLU A 305 3.38 21.70 10.86
N GLN B 8 -14.41 2.04 -3.08
CA GLN B 8 -14.08 1.48 -1.74
C GLN B 8 -15.35 1.19 -0.94
N CYS B 9 -15.20 0.38 0.12
CA CYS B 9 -16.31 0.04 1.01
C CYS B 9 -15.93 0.37 2.44
N GLU B 10 -16.91 0.49 3.33
CA GLU B 10 -16.62 0.69 4.74
C GLU B 10 -16.27 -0.66 5.39
N SER B 11 -15.18 -0.70 6.16
CA SER B 11 -14.82 -1.97 6.79
C SER B 11 -15.96 -2.53 7.58
N ASN B 12 -16.07 -3.85 7.54
CA ASN B 12 -17.07 -4.55 8.31
C ASN B 12 -16.66 -4.51 9.77
N PRO B 13 -17.49 -3.89 10.65
CA PRO B 13 -17.12 -3.82 12.06
C PRO B 13 -17.23 -5.18 12.75
N CYS B 14 -17.96 -6.10 12.11
CA CYS B 14 -18.16 -7.46 12.59
C CYS B 14 -16.90 -8.31 12.40
N LEU B 15 -16.75 -9.32 13.24
CA LEU B 15 -15.56 -10.16 13.22
C LEU B 15 -15.69 -11.26 12.18
N ASN B 16 -16.94 -11.60 11.85
CA ASN B 16 -17.28 -12.61 10.86
C ASN B 16 -17.79 -12.02 9.54
N GLY B 17 -17.93 -12.87 8.53
CA GLY B 17 -18.42 -12.46 7.20
C GLY B 17 -17.37 -11.76 6.36
N GLY B 18 -17.82 -11.08 5.31
CA GLY B 18 -16.93 -10.35 4.41
C GLY B 18 -16.22 -9.15 5.02
N SER B 19 -15.30 -8.56 4.26
CA SER B 19 -14.51 -7.42 4.72
C SER B 19 -15.26 -6.08 4.72
N CYS B 20 -16.35 -6.01 3.94
CA CYS B 20 -17.20 -4.81 3.82
C CYS B 20 -18.43 -4.94 4.71
N LYS B 21 -18.85 -3.84 5.32
CA LYS B 21 -20.06 -3.91 6.15
C LYS B 21 -21.30 -4.12 5.27
N ASP B 22 -22.32 -4.72 5.86
CA ASP B 22 -23.52 -5.17 5.16
C ASP B 22 -23.18 -6.13 3.99
N ASP B 23 -22.29 -7.06 4.32
CA ASP B 23 -22.00 -8.23 3.49
C ASP B 23 -23.33 -8.93 3.23
N ILE B 24 -23.73 -9.00 1.97
CA ILE B 24 -25.00 -9.64 1.57
C ILE B 24 -25.07 -11.11 2.03
N ASN B 25 -23.91 -11.77 2.10
CA ASN B 25 -23.87 -13.18 2.48
C ASN B 25 -23.71 -13.43 3.99
N SER B 26 -23.76 -12.36 4.78
CA SER B 26 -23.71 -12.45 6.25
C SER B 26 -25.05 -12.17 6.92
N TYR B 27 -25.37 -12.96 7.94
CA TYR B 27 -26.60 -12.75 8.72
C TYR B 27 -26.31 -12.41 10.18
N GLU B 28 -25.25 -12.99 10.73
CA GLU B 28 -24.79 -12.66 12.09
C GLU B 28 -23.73 -11.56 12.07
N CYS B 29 -23.63 -10.83 13.18
CA CYS B 29 -22.54 -9.89 13.41
C CYS B 29 -21.96 -10.15 14.79
N TRP B 30 -20.69 -10.54 14.85
CA TRP B 30 -19.99 -10.69 16.12
C TRP B 30 -19.09 -9.53 16.34
N CYS B 31 -19.40 -8.73 17.36
CA CYS B 31 -18.73 -7.47 17.61
C CYS B 31 -17.48 -7.66 18.45
N PRO B 32 -16.43 -6.86 18.18
CA PRO B 32 -15.28 -6.81 19.07
C PRO B 32 -15.73 -6.43 20.50
N PHE B 33 -15.02 -6.93 21.50
CA PHE B 33 -15.42 -6.74 22.90
C PHE B 33 -15.78 -5.29 23.22
N GLY B 34 -16.94 -5.09 23.85
CA GLY B 34 -17.35 -3.77 24.32
C GLY B 34 -18.34 -3.06 23.42
N PHE B 35 -18.65 -3.66 22.27
CA PHE B 35 -19.57 -3.05 21.31
C PHE B 35 -20.78 -3.94 21.05
N GLU B 36 -21.88 -3.30 20.64
CA GLU B 36 -23.17 -3.97 20.49
C GLU B 36 -23.91 -3.38 19.30
N GLY B 37 -24.92 -4.10 18.80
CA GLY B 37 -25.78 -3.59 17.73
C GLY B 37 -25.50 -4.23 16.38
N LYS B 38 -26.37 -3.96 15.41
CA LYS B 38 -26.24 -4.56 14.07
C LYS B 38 -24.98 -4.09 13.31
N ASN B 39 -24.36 -3.03 13.80
CA ASN B 39 -23.11 -2.53 13.25
C ASN B 39 -22.07 -2.15 14.32
N CYS B 40 -22.16 -2.78 15.48
CA CYS B 40 -21.26 -2.56 16.63
C CYS B 40 -21.14 -1.09 17.04
N GLU B 41 -22.29 -0.43 17.21
CA GLU B 41 -22.35 0.99 17.55
C GLU B 41 -21.94 1.31 19.00
N LEU B 42 -22.82 0.96 19.96
CA LEU B 42 -22.61 1.34 21.36
C LEU B 42 -22.05 0.19 22.20
#